data_2Y8W
#
_entry.id   2Y8W
#
_cell.length_a   43.100
_cell.length_b   66.150
_cell.length_c   74.150
_cell.angle_alpha   90.00
_cell.angle_beta   90.00
_cell.angle_gamma   90.00
#
_symmetry.space_group_name_H-M   'P 21 21 21'
#
loop_
_entity.id
_entity.type
_entity.pdbx_description
1 polymer CSE3
2 polymer "5'-R(*UP*CP*CP*CP*CP*AP*CP*GP*CP*GP*UP*GP*UP*GP *GP*GP*DGP*AP*UP*G)-3'"
3 water water
#
loop_
_entity_poly.entity_id
_entity_poly.type
_entity_poly.pdbx_seq_one_letter_code
_entity_poly.pdbx_strand_id
1 'polypeptide(L)'
;GTGAMWLTKLVLNPASRAARRDLANPYEMHRTLSKAVSRALEEGRERLLWRLEPARGLEPPVVLVQTLTEPDWSVLDEGY
AQVFPPKPFHPALKPGQRLRFRLRANPAKRLAATGKRVALKTPAEKVAWLERRLEEGGFRLLEGERGPWVQILQDTFLEV
RRKKDGEEAGKLLQVQAVLFEGRLEVVDPERALATLRRGVGPGKALGLGLLSVAP
;
A
2 'polyribonucleotide' UCCCCACGCGUGUGGG(DG)AUG B
#
# COMPACT_ATOMS: atom_id res chain seq x y z
N GLY A 1 16.78 -13.07 -11.80
CA GLY A 1 15.52 -12.39 -11.66
C GLY A 1 15.05 -12.35 -10.22
N THR A 2 15.87 -11.76 -9.36
CA THR A 2 15.56 -11.68 -7.93
C THR A 2 14.82 -10.40 -7.57
N GLY A 3 15.51 -9.27 -7.64
CA GLY A 3 14.91 -7.99 -7.31
C GLY A 3 15.35 -7.50 -5.95
N ALA A 4 15.18 -6.21 -5.69
CA ALA A 4 15.51 -5.69 -4.39
C ALA A 4 14.63 -4.50 -4.01
N MET A 5 14.33 -4.43 -2.73
CA MET A 5 13.72 -3.24 -2.15
C MET A 5 13.89 -3.36 -0.64
N TRP A 6 13.45 -2.36 0.09
CA TRP A 6 13.62 -2.35 1.53
C TRP A 6 12.26 -2.43 2.21
N LEU A 7 12.16 -3.23 3.27
CA LEU A 7 10.93 -3.27 4.06
C LEU A 7 11.23 -2.90 5.50
N THR A 8 10.38 -2.04 6.06
CA THR A 8 10.51 -1.66 7.45
C THR A 8 9.20 -1.92 8.16
N LYS A 9 9.26 -2.55 9.32
CA LYS A 9 8.07 -2.68 10.15
C LYS A 9 8.09 -1.67 11.27
N LEU A 10 7.05 -0.84 11.34
CA LEU A 10 6.91 0.12 12.41
C LEU A 10 5.78 -0.35 13.29
N VAL A 11 6.01 -0.35 14.61
CA VAL A 11 4.92 -0.62 15.54
C VAL A 11 4.58 0.67 16.27
N LEU A 12 3.45 1.27 15.88
CA LEU A 12 3.12 2.61 16.36
C LEU A 12 2.60 2.62 17.78
N ASN A 13 2.81 3.76 18.44
CA ASN A 13 2.47 3.94 19.83
C ASN A 13 1.21 4.78 19.97
N PRO A 14 0.08 4.15 20.32
CA PRO A 14 -1.20 4.81 20.51
C PRO A 14 -1.13 5.97 21.51
N ALA A 15 -0.17 5.93 22.43
CA ALA A 15 -0.02 7.00 23.41
C ALA A 15 0.55 8.28 22.79
N SER A 16 1.20 8.14 21.65
CA SER A 16 1.77 9.27 20.94
C SER A 16 0.73 9.99 20.10
N ARG A 17 0.61 11.29 20.28
CA ARG A 17 -0.37 12.05 19.49
C ARG A 17 0.01 12.04 18.02
N ALA A 18 1.30 12.15 17.74
CA ALA A 18 1.77 12.11 16.36
C ALA A 18 1.37 10.78 15.70
N ALA A 19 1.54 9.68 16.43
CA ALA A 19 1.11 8.38 15.88
C ALA A 19 -0.41 8.36 15.64
N ARG A 20 -1.18 8.84 16.61
CA ARG A 20 -2.63 8.84 16.45
C ARG A 20 -3.04 9.70 15.26
N ARG A 21 -2.36 10.84 15.09
CA ARG A 21 -2.60 11.73 13.96
C ARG A 21 -2.42 10.99 12.65
N ASP A 22 -1.30 10.26 12.55
CA ASP A 22 -0.96 9.57 11.31
C ASP A 22 -1.82 8.34 11.06
N LEU A 23 -2.20 7.65 12.13
CA LEU A 23 -3.09 6.50 11.96
C LEU A 23 -4.46 6.92 11.46
N ALA A 24 -4.92 8.09 11.87
CA ALA A 24 -6.24 8.57 11.50
C ALA A 24 -6.24 9.29 10.16
N ASN A 25 -5.07 9.79 9.76
CA ASN A 25 -4.97 10.58 8.53
C ASN A 25 -3.84 10.09 7.65
N PRO A 26 -4.16 9.26 6.64
CA PRO A 26 -3.14 8.69 5.76
C PRO A 26 -2.28 9.74 5.08
N TYR A 27 -2.84 10.91 4.84
CA TYR A 27 -2.04 11.97 4.25
C TYR A 27 -0.97 12.48 5.23
N GLU A 28 -1.31 12.59 6.51
CA GLU A 28 -0.29 12.97 7.51
C GLU A 28 0.73 11.84 7.67
N MET A 29 0.28 10.59 7.58
CA MET A 29 1.20 9.46 7.60
C MET A 29 2.23 9.58 6.48
N HIS A 30 1.74 9.88 5.28
CA HIS A 30 2.57 10.17 4.11
C HIS A 30 3.63 11.21 4.44
N ARG A 31 3.23 12.25 5.16
CA ARG A 31 4.17 13.33 5.44
C ARG A 31 5.24 12.83 6.41
N THR A 32 4.84 12.04 7.39
CA THR A 32 5.79 11.51 8.36
C THR A 32 6.79 10.57 7.70
N LEU A 33 6.26 9.56 7.01
CA LEU A 33 7.10 8.52 6.41
C LEU A 33 8.05 9.03 5.35
N SER A 34 7.62 10.04 4.60
CA SER A 34 8.44 10.61 3.55
C SER A 34 9.79 11.11 4.08
N LYS A 35 9.82 11.60 5.32
CA LYS A 35 11.06 12.14 5.87
C LYS A 35 12.19 11.11 5.90
N ALA A 36 11.83 9.82 6.00
CA ALA A 36 12.83 8.75 6.12
C ALA A 36 13.63 8.54 4.83
N VAL A 37 13.06 8.99 3.73
CA VAL A 37 13.70 8.84 2.43
C VAL A 37 13.64 10.16 1.66
N SER A 38 13.71 11.26 2.41
CA SER A 38 13.48 12.59 1.83
C SER A 38 14.36 12.90 0.62
N ARG A 39 15.65 12.66 0.75
CA ARG A 39 16.57 13.00 -0.33
C ARG A 39 16.41 12.10 -1.56
N ALA A 40 16.14 10.81 -1.32
CA ALA A 40 15.87 9.91 -2.45
C ALA A 40 14.63 10.33 -3.24
N LEU A 41 13.58 10.75 -2.54
CA LEU A 41 12.37 11.24 -3.17
C LEU A 41 12.66 12.45 -4.05
N GLU A 42 13.42 13.39 -3.50
CA GLU A 42 13.74 14.61 -4.22
C GLU A 42 14.59 14.32 -5.47
N GLU A 43 15.45 13.31 -5.36
CA GLU A 43 16.32 12.92 -6.47
C GLU A 43 15.58 12.04 -7.50
N GLY A 44 14.30 11.80 -7.24
CA GLY A 44 13.47 11.01 -8.15
C GLY A 44 13.83 9.53 -8.19
N ARG A 45 14.34 9.01 -7.07
CA ARG A 45 14.80 7.62 -7.04
C ARG A 45 13.92 6.76 -6.15
N GLU A 46 12.78 7.29 -5.74
CA GLU A 46 12.03 6.64 -4.66
C GLU A 46 10.55 6.53 -5.00
N ARG A 47 9.95 5.44 -4.51
CA ARG A 47 8.51 5.26 -4.51
C ARG A 47 8.16 4.62 -3.18
N LEU A 48 7.85 5.43 -2.17
CA LEU A 48 7.51 4.88 -0.86
C LEU A 48 6.10 4.33 -0.93
N LEU A 49 5.91 3.14 -0.36
CA LEU A 49 4.58 2.57 -0.25
C LEU A 49 4.43 2.08 1.17
N TRP A 50 3.22 2.06 1.69
CA TRP A 50 3.02 1.55 3.03
C TRP A 50 1.63 0.96 3.18
N ARG A 51 1.46 0.14 4.20
CA ARG A 51 0.13 -0.33 4.55
C ARG A 51 -0.01 -0.37 6.07
N LEU A 52 -1.10 0.18 6.56
CA LEU A 52 -1.47 -0.04 7.95
C LEU A 52 -2.08 -1.42 8.02
N GLU A 53 -1.42 -2.34 8.72
CA GLU A 53 -1.87 -3.74 8.70
C GLU A 53 -3.19 -3.89 9.44
N PRO A 54 -4.03 -4.84 8.97
CA PRO A 54 -5.23 -5.15 9.75
C PRO A 54 -4.82 -5.74 11.09
N ALA A 55 -5.47 -5.31 12.16
CA ALA A 55 -5.19 -5.89 13.47
C ALA A 55 -6.20 -7.00 13.68
N ARG A 56 -5.78 -8.11 14.28
CA ARG A 56 -6.72 -9.19 14.53
C ARG A 56 -6.95 -9.37 16.02
N GLY A 57 -6.25 -8.57 16.81
CA GLY A 57 -6.39 -8.59 18.26
C GLY A 57 -6.24 -7.21 18.86
N LEU A 58 -5.83 -7.16 20.12
CA LEU A 58 -5.67 -5.89 20.81
C LEU A 58 -4.24 -5.37 20.71
N GLU A 59 -3.46 -5.96 19.80
CA GLU A 59 -2.07 -5.58 19.59
C GLU A 59 -1.93 -4.15 19.07
N PRO A 60 -0.73 -3.56 19.19
CA PRO A 60 -0.52 -2.20 18.72
C PRO A 60 -0.53 -2.15 17.19
N PRO A 61 -0.89 -0.99 16.63
CA PRO A 61 -0.98 -0.83 15.16
C PRO A 61 0.38 -1.07 14.53
N VAL A 62 0.37 -1.80 13.41
CA VAL A 62 1.59 -2.12 12.71
C VAL A 62 1.54 -1.49 11.32
N VAL A 63 2.59 -0.75 10.97
CA VAL A 63 2.67 -0.17 9.64
C VAL A 63 3.86 -0.76 8.89
N LEU A 64 3.60 -1.34 7.73
CA LEU A 64 4.65 -1.90 6.90
C LEU A 64 5.04 -0.87 5.86
N VAL A 65 6.33 -0.57 5.75
CA VAL A 65 6.77 0.45 4.82
C VAL A 65 7.76 -0.16 3.86
N GLN A 66 7.48 -0.01 2.57
CA GLN A 66 8.40 -0.45 1.54
C GLN A 66 9.03 0.77 0.87
N THR A 67 10.34 0.72 0.70
CA THR A 67 11.05 1.78 -0.01
C THR A 67 12.05 1.20 -1.01
N LEU A 68 12.35 1.95 -2.06
CA LEU A 68 13.29 1.49 -3.07
C LEU A 68 14.70 1.75 -2.59
N THR A 69 14.84 2.76 -1.72
CA THR A 69 16.15 3.09 -1.19
C THR A 69 16.16 2.85 0.31
N GLU A 70 17.35 2.84 0.89
CA GLU A 70 17.50 2.57 2.31
C GLU A 70 16.97 3.73 3.16
N PRO A 71 15.99 3.45 4.01
CA PRO A 71 15.32 4.48 4.82
C PRO A 71 16.08 4.80 6.10
N ASP A 72 15.94 6.05 6.53
CA ASP A 72 16.57 6.51 7.76
C ASP A 72 15.50 6.90 8.76
N TRP A 73 15.20 6.00 9.69
CA TRP A 73 14.10 6.23 10.64
C TRP A 73 14.46 7.08 11.86
N SER A 74 15.66 7.65 11.86
CA SER A 74 16.06 8.55 12.93
C SER A 74 15.15 9.78 12.96
N VAL A 75 14.42 10.00 11.87
CA VAL A 75 13.52 11.15 11.75
C VAL A 75 12.28 11.04 12.62
N LEU A 76 11.95 9.84 13.07
CA LEU A 76 10.74 9.63 13.85
C LEU A 76 10.84 10.21 15.25
N ASP A 77 9.80 10.91 15.68
CA ASP A 77 9.75 11.44 17.05
C ASP A 77 9.98 10.36 18.09
N GLU A 78 10.62 10.73 19.18
CA GLU A 78 10.79 9.81 20.30
C GLU A 78 9.42 9.31 20.76
N GLY A 79 9.29 7.99 20.82
CA GLY A 79 8.07 7.37 21.33
C GLY A 79 7.00 7.13 20.28
N TYR A 80 7.22 7.62 19.07
CA TYR A 80 6.26 7.47 17.98
C TYR A 80 6.02 6.01 17.60
N ALA A 81 7.10 5.23 17.53
CA ALA A 81 7.01 3.84 17.11
C ALA A 81 8.23 3.08 17.55
N GLN A 82 8.08 1.77 17.71
CA GLN A 82 9.23 0.89 17.77
C GLN A 82 9.56 0.55 16.33
N VAL A 83 10.83 0.67 15.98
CA VAL A 83 11.26 0.52 14.60
C VAL A 83 12.12 -0.73 14.43
N PHE A 84 11.65 -1.67 13.62
CA PHE A 84 12.45 -2.83 13.26
C PHE A 84 13.43 -2.41 12.17
N PRO A 85 14.65 -2.94 12.21
CA PRO A 85 15.66 -2.48 11.26
C PRO A 85 15.16 -2.68 9.84
N PRO A 86 15.30 -1.65 8.98
CA PRO A 86 14.95 -1.89 7.58
C PRO A 86 15.76 -3.07 7.07
N LYS A 87 15.14 -3.89 6.23
CA LYS A 87 15.77 -5.10 5.74
C LYS A 87 15.64 -5.17 4.23
N PRO A 88 16.75 -5.49 3.53
CA PRO A 88 16.67 -5.68 2.08
C PRO A 88 15.82 -6.91 1.81
N PHE A 89 14.92 -6.77 0.85
CA PHE A 89 14.01 -7.86 0.52
C PHE A 89 14.30 -8.24 -0.91
N HIS A 90 14.60 -9.51 -1.14
CA HIS A 90 14.82 -10.03 -2.49
C HIS A 90 13.73 -11.03 -2.80
N PRO A 91 12.64 -10.54 -3.42
CA PRO A 91 11.49 -11.40 -3.67
C PRO A 91 11.89 -12.53 -4.61
N ALA A 92 11.51 -13.74 -4.24
CA ALA A 92 11.66 -14.87 -5.13
C ALA A 92 10.39 -14.90 -5.98
N LEU A 93 10.55 -14.64 -7.27
CA LEU A 93 9.43 -14.63 -8.20
C LEU A 93 9.77 -15.44 -9.45
N LYS A 94 9.12 -16.59 -9.60
CA LYS A 94 9.33 -17.37 -10.81
C LYS A 94 8.00 -17.86 -11.35
N PRO A 95 7.93 -18.11 -12.65
CA PRO A 95 6.66 -18.43 -13.31
C PRO A 95 5.98 -19.63 -12.65
N GLY A 96 4.70 -19.47 -12.34
CA GLY A 96 3.91 -20.54 -11.77
C GLY A 96 3.90 -20.60 -10.26
N GLN A 97 4.79 -19.86 -9.61
CA GLN A 97 4.82 -19.77 -8.16
C GLN A 97 3.50 -19.27 -7.60
N ARG A 98 2.94 -19.99 -6.64
CA ARG A 98 1.75 -19.51 -5.94
C ARG A 98 2.12 -18.83 -4.64
N LEU A 99 1.50 -17.69 -4.39
CA LEU A 99 1.82 -16.87 -3.23
C LEU A 99 0.56 -16.34 -2.60
N ARG A 100 0.58 -16.20 -1.29
CA ARG A 100 -0.46 -15.47 -0.60
C ARG A 100 -0.18 -13.99 -0.78
N PHE A 101 -1.22 -13.16 -0.78
CA PHE A 101 -1.02 -11.74 -0.90
C PHE A 101 -1.98 -10.96 -0.01
N ARG A 102 -1.58 -9.72 0.26
CA ARG A 102 -2.42 -8.74 0.92
C ARG A 102 -2.23 -7.42 0.18
N LEU A 103 -3.32 -6.73 -0.11
CA LEU A 103 -3.25 -5.47 -0.84
C LEU A 103 -4.41 -4.60 -0.42
N ARG A 104 -4.13 -3.43 0.13
CA ARG A 104 -5.17 -2.45 0.35
C ARG A 104 -5.06 -1.49 -0.83
N ALA A 105 -6.13 -1.38 -1.62
CA ALA A 105 -6.06 -0.63 -2.86
C ALA A 105 -7.30 0.24 -3.10
N ASN A 106 -7.25 1.04 -4.15
CA ASN A 106 -8.36 1.90 -4.56
C ASN A 106 -8.93 1.43 -5.90
N PRO A 107 -9.91 0.50 -5.85
CA PRO A 107 -10.46 0.07 -7.14
C PRO A 107 -11.41 1.16 -7.63
N ALA A 108 -10.98 1.85 -8.68
CA ALA A 108 -11.69 3.01 -9.15
C ALA A 108 -11.76 3.07 -10.66
N LYS A 109 -12.61 3.97 -11.15
CA LYS A 109 -12.73 4.26 -12.57
C LYS A 109 -12.81 5.76 -12.74
N ARG A 110 -12.31 6.25 -13.87
CA ARG A 110 -12.45 7.68 -14.17
C ARG A 110 -13.66 7.82 -15.05
N LEU A 111 -14.72 8.42 -14.52
CA LEU A 111 -15.97 8.52 -15.27
C LEU A 111 -15.78 9.30 -16.57
N ALA A 112 -16.28 8.73 -17.66
CA ALA A 112 -16.30 9.47 -18.93
C ALA A 112 -17.13 10.73 -18.80
N ALA A 113 -18.19 10.67 -18.00
CA ALA A 113 -19.17 11.75 -17.95
C ALA A 113 -18.71 12.96 -17.13
N THR A 114 -17.84 12.73 -16.15
CA THR A 114 -17.43 13.80 -15.23
C THR A 114 -15.93 14.04 -15.22
N GLY A 115 -15.17 13.12 -15.77
CA GLY A 115 -13.72 13.25 -15.79
C GLY A 115 -13.09 12.95 -14.44
N LYS A 116 -13.92 12.55 -13.48
CA LYS A 116 -13.41 12.33 -12.14
C LYS A 116 -13.34 10.86 -11.73
N ARG A 117 -12.35 10.55 -10.91
CA ARG A 117 -12.16 9.22 -10.42
C ARG A 117 -13.21 8.93 -9.34
N VAL A 118 -13.92 7.82 -9.49
CA VAL A 118 -14.87 7.37 -8.47
C VAL A 118 -14.65 5.88 -8.15
N ALA A 119 -15.13 5.46 -6.99
CA ALA A 119 -14.98 4.05 -6.61
C ALA A 119 -15.90 3.15 -7.42
N LEU A 120 -15.38 2.01 -7.82
CA LEU A 120 -16.23 0.94 -8.34
C LEU A 120 -17.16 0.51 -7.20
N LYS A 121 -18.43 0.29 -7.52
CA LYS A 121 -19.48 0.17 -6.51
C LYS A 121 -19.62 -1.20 -5.84
N THR A 122 -19.57 -2.26 -6.65
CA THR A 122 -19.91 -3.59 -6.16
C THR A 122 -18.68 -4.46 -5.91
N PRO A 123 -18.82 -5.47 -5.04
CA PRO A 123 -17.72 -6.41 -4.79
C PRO A 123 -17.25 -7.07 -6.08
N ALA A 124 -18.18 -7.41 -6.96
CA ALA A 124 -17.80 -8.09 -8.20
C ALA A 124 -16.86 -7.22 -9.02
N GLU A 125 -17.15 -5.93 -9.07
CA GLU A 125 -16.32 -5.00 -9.84
C GLU A 125 -14.97 -4.78 -9.18
N LYS A 126 -14.96 -4.76 -7.84
CA LYS A 126 -13.70 -4.60 -7.13
C LYS A 126 -12.78 -5.80 -7.39
N VAL A 127 -13.38 -6.98 -7.43
CA VAL A 127 -12.61 -8.20 -7.68
C VAL A 127 -12.10 -8.22 -9.11
N ALA A 128 -12.95 -7.79 -10.05
CA ALA A 128 -12.56 -7.75 -11.46
C ALA A 128 -11.41 -6.78 -11.66
N TRP A 129 -11.47 -5.64 -10.97
CA TRP A 129 -10.41 -4.63 -11.03
C TRP A 129 -9.08 -5.26 -10.59
N LEU A 130 -9.12 -5.96 -9.46
CA LEU A 130 -7.94 -6.64 -8.95
C LEU A 130 -7.40 -7.66 -9.95
N GLU A 131 -8.29 -8.47 -10.52
CA GLU A 131 -7.88 -9.46 -11.50
C GLU A 131 -7.16 -8.79 -12.66
N ARG A 132 -7.73 -7.68 -13.14
CA ARG A 132 -7.17 -6.94 -14.26
C ARG A 132 -5.81 -6.34 -13.94
N ARG A 133 -5.72 -5.70 -12.78
CA ARG A 133 -4.47 -5.04 -12.40
C ARG A 133 -3.37 -6.06 -12.12
N LEU A 134 -3.73 -7.15 -11.46
CA LEU A 134 -2.74 -8.19 -11.21
C LEU A 134 -2.21 -8.78 -12.51
N GLU A 135 -3.09 -9.04 -13.47
CA GLU A 135 -2.67 -9.68 -14.72
C GLU A 135 -1.78 -8.74 -15.52
N GLU A 136 -2.18 -7.46 -15.60
CA GLU A 136 -1.38 -6.48 -16.30
C GLU A 136 -0.01 -6.31 -15.63
N GLY A 137 0.07 -6.67 -14.35
CA GLY A 137 1.28 -6.46 -13.56
C GLY A 137 2.14 -7.71 -13.46
N GLY A 138 1.80 -8.75 -14.23
CA GLY A 138 2.63 -9.94 -14.31
C GLY A 138 2.32 -11.01 -13.28
N PHE A 139 1.22 -10.84 -12.55
CA PHE A 139 0.74 -11.87 -11.64
C PHE A 139 -0.57 -12.42 -12.22
N ARG A 140 -1.27 -13.23 -11.45
CA ARG A 140 -2.62 -13.61 -11.83
C ARG A 140 -3.36 -14.11 -10.61
N LEU A 141 -4.53 -13.57 -10.35
CA LEU A 141 -5.33 -14.02 -9.23
C LEU A 141 -5.78 -15.47 -9.46
N LEU A 142 -5.57 -16.32 -8.46
CA LEU A 142 -5.95 -17.72 -8.59
C LEU A 142 -7.47 -17.86 -8.62
N GLU A 143 -7.95 -18.78 -9.46
CA GLU A 143 -9.38 -19.05 -9.46
C GLU A 143 -9.56 -20.51 -9.13
N GLY A 144 -10.12 -20.76 -7.95
CA GLY A 144 -10.46 -22.11 -7.55
C GLY A 144 -11.96 -22.30 -7.59
N GLU A 145 -12.36 -23.55 -7.48
CA GLU A 145 -13.76 -23.93 -7.32
C GLU A 145 -14.34 -23.09 -6.20
N ARG A 146 -15.45 -22.40 -6.41
CA ARG A 146 -15.95 -21.45 -5.44
C ARG A 146 -15.44 -20.04 -5.75
N GLY A 147 -14.87 -19.87 -6.93
CA GLY A 147 -14.42 -18.56 -7.39
C GLY A 147 -12.98 -18.12 -7.14
N PRO A 148 -12.72 -16.84 -7.38
CA PRO A 148 -11.39 -16.28 -7.25
C PRO A 148 -10.94 -16.45 -5.82
N TRP A 149 -9.66 -16.77 -5.66
CA TRP A 149 -9.07 -16.91 -4.33
C TRP A 149 -8.77 -15.54 -3.76
N VAL A 150 -9.82 -14.81 -3.42
CA VAL A 150 -9.66 -13.51 -2.79
C VAL A 150 -10.81 -13.26 -1.83
N GLN A 151 -10.54 -12.47 -0.79
CA GLN A 151 -11.60 -12.00 0.10
C GLN A 151 -11.42 -10.52 0.28
N ILE A 152 -12.54 -9.81 0.40
CA ILE A 152 -12.48 -8.38 0.69
C ILE A 152 -12.76 -8.24 2.17
N LEU A 153 -11.71 -7.98 2.94
CA LEU A 153 -11.80 -7.95 4.40
C LEU A 153 -12.16 -6.58 4.96
N GLN A 154 -11.98 -5.53 4.16
CA GLN A 154 -12.38 -4.18 4.55
C GLN A 154 -12.71 -3.36 3.31
N ASP A 155 -13.68 -2.46 3.42
CA ASP A 155 -14.06 -1.64 2.29
C ASP A 155 -14.59 -0.34 2.87
N THR A 156 -13.75 0.70 2.86
CA THR A 156 -14.13 1.95 3.55
C THR A 156 -13.84 3.17 2.72
N PHE A 157 -14.72 4.17 2.86
CA PHE A 157 -14.56 5.43 2.12
C PHE A 157 -13.79 6.39 3.03
N LEU A 158 -12.60 6.77 2.59
CA LEU A 158 -11.74 7.67 3.38
C LEU A 158 -11.99 9.11 2.98
N GLU A 159 -12.13 9.97 3.98
CA GLU A 159 -12.31 11.40 3.74
C GLU A 159 -11.29 12.06 4.64
N VAL A 160 -10.21 12.54 4.03
CA VAL A 160 -9.00 12.90 4.74
C VAL A 160 -8.60 14.35 4.47
N ARG A 161 -8.46 15.14 5.53
CA ARG A 161 -8.08 16.52 5.38
C ARG A 161 -6.65 16.61 4.88
N ARG A 162 -6.44 17.40 3.84
CA ARG A 162 -5.11 17.53 3.29
C ARG A 162 -4.64 18.97 3.25
N LYS A 163 -3.44 19.20 3.76
CA LYS A 163 -2.91 20.54 3.89
C LYS A 163 -1.40 20.52 3.68
N LYS A 164 -0.95 21.34 2.74
CA LYS A 164 0.49 21.52 2.52
C LYS A 164 0.85 22.92 2.98
N ASP A 165 2.07 23.09 3.46
CA ASP A 165 2.54 24.43 3.82
C ASP A 165 2.50 25.29 2.57
N GLY A 166 2.07 26.54 2.72
CA GLY A 166 1.97 27.45 1.60
C GLY A 166 0.62 27.41 0.93
N GLU A 167 -0.20 26.42 1.31
CA GLU A 167 -1.56 26.32 0.80
C GLU A 167 -2.54 27.00 1.75
N GLU A 168 -3.35 27.91 1.21
CA GLU A 168 -4.31 28.65 2.03
C GLU A 168 -5.44 27.75 2.49
N ALA A 169 -6.10 27.08 1.55
CA ALA A 169 -7.18 26.17 1.87
C ALA A 169 -6.67 24.75 1.93
N GLY A 170 -7.19 23.98 2.88
CA GLY A 170 -6.89 22.57 2.97
C GLY A 170 -7.95 21.76 2.25
N LYS A 171 -7.54 21.03 1.22
CA LYS A 171 -8.47 20.22 0.45
C LYS A 171 -8.89 18.95 1.19
N LEU A 172 -9.91 18.30 0.65
CA LEU A 172 -10.38 17.04 1.20
C LEU A 172 -10.09 15.90 0.22
N LEU A 173 -9.22 14.97 0.61
CA LEU A 173 -8.95 13.82 -0.22
C LEU A 173 -9.99 12.76 0.11
N GLN A 174 -10.64 12.24 -0.92
CA GLN A 174 -11.70 11.26 -0.74
C GLN A 174 -11.38 10.07 -1.62
N VAL A 175 -11.20 8.90 -1.00
CA VAL A 175 -10.74 7.72 -1.71
C VAL A 175 -11.32 6.46 -1.07
N GLN A 176 -11.73 5.51 -1.90
CA GLN A 176 -12.27 4.26 -1.39
C GLN A 176 -11.10 3.31 -1.15
N ALA A 177 -11.01 2.75 0.06
CA ALA A 177 -9.91 1.86 0.40
C ALA A 177 -10.44 0.45 0.64
N VAL A 178 -9.98 -0.49 -0.19
CA VAL A 178 -10.47 -1.86 -0.15
C VAL A 178 -9.30 -2.78 0.19
N LEU A 179 -9.46 -3.56 1.26
CA LEU A 179 -8.43 -4.50 1.71
C LEU A 179 -8.69 -5.88 1.12
N PHE A 180 -7.77 -6.33 0.25
CA PHE A 180 -7.88 -7.64 -0.38
C PHE A 180 -6.86 -8.60 0.25
N GLU A 181 -7.27 -9.85 0.44
CA GLU A 181 -6.33 -10.92 0.78
C GLU A 181 -6.68 -12.13 -0.04
N GLY A 182 -5.68 -12.91 -0.43
CA GLY A 182 -5.95 -14.05 -1.27
C GLY A 182 -4.73 -14.78 -1.74
N ARG A 183 -4.87 -15.47 -2.86
CA ARG A 183 -3.76 -16.21 -3.44
C ARG A 183 -3.63 -15.87 -4.91
N LEU A 184 -2.39 -15.70 -5.35
CA LEU A 184 -2.11 -15.41 -6.74
C LEU A 184 -0.97 -16.27 -7.23
N GLU A 185 -0.66 -16.16 -8.53
CA GLU A 185 0.50 -16.83 -9.09
C GLU A 185 1.34 -15.82 -9.84
N VAL A 186 2.63 -16.11 -9.91
CA VAL A 186 3.55 -15.28 -10.68
C VAL A 186 3.48 -15.73 -12.12
N VAL A 187 3.36 -14.77 -13.06
CA VAL A 187 3.35 -15.12 -14.47
C VAL A 187 4.67 -14.68 -15.11
N ASP A 188 4.98 -13.40 -14.97
CA ASP A 188 6.18 -12.80 -15.56
C ASP A 188 7.00 -12.16 -14.46
N PRO A 189 8.12 -12.80 -14.07
CA PRO A 189 8.89 -12.37 -12.89
C PRO A 189 9.33 -10.92 -12.98
N GLU A 190 9.76 -10.46 -14.15
CA GLU A 190 10.24 -9.08 -14.27
C GLU A 190 9.09 -8.08 -14.08
N ARG A 191 7.98 -8.30 -14.77
CA ARG A 191 6.84 -7.39 -14.64
C ARG A 191 6.27 -7.48 -13.21
N ALA A 192 6.29 -8.69 -12.65
CA ALA A 192 5.78 -8.92 -11.30
C ALA A 192 6.62 -8.16 -10.27
N LEU A 193 7.94 -8.18 -10.44
CA LEU A 193 8.82 -7.39 -9.57
C LEU A 193 8.50 -5.92 -9.69
N ALA A 194 8.35 -5.42 -10.92
CA ALA A 194 8.03 -4.00 -11.10
C ALA A 194 6.74 -3.62 -10.37
N THR A 195 5.79 -4.54 -10.36
CA THR A 195 4.50 -4.32 -9.70
C THR A 195 4.65 -4.25 -8.18
N LEU A 196 5.44 -5.15 -7.61
CA LEU A 196 5.75 -5.05 -6.19
C LEU A 196 6.39 -3.70 -5.87
N ARG A 197 7.37 -3.30 -6.68
CA ARG A 197 8.14 -2.07 -6.43
C ARG A 197 7.35 -0.78 -6.66
N ARG A 198 6.44 -0.80 -7.63
CA ARG A 198 5.75 0.43 -8.03
C ARG A 198 4.39 0.59 -7.39
N GLY A 199 3.79 -0.53 -6.97
CA GLY A 199 2.47 -0.52 -6.36
C GLY A 199 1.34 -0.67 -7.36
N VAL A 200 0.13 -0.84 -6.83
CA VAL A 200 -1.03 -1.17 -7.65
C VAL A 200 -2.20 -0.19 -7.40
N GLY A 201 -2.50 0.65 -8.39
CA GLY A 201 -3.67 1.51 -8.33
C GLY A 201 -3.46 2.86 -7.67
N PRO A 202 -4.49 3.69 -7.65
CA PRO A 202 -4.31 5.05 -7.12
C PRO A 202 -4.10 5.08 -5.61
N GLY A 203 -3.77 6.27 -5.13
CA GLY A 203 -3.72 6.52 -3.70
C GLY A 203 -2.47 5.97 -3.04
N LYS A 204 -1.39 5.87 -3.82
CA LYS A 204 -0.15 5.30 -3.27
C LYS A 204 0.43 6.16 -2.15
N ALA A 205 0.18 7.46 -2.19
CA ALA A 205 0.67 8.35 -1.14
C ALA A 205 -0.21 8.27 0.11
N LEU A 206 -1.26 7.46 0.05
CA LEU A 206 -2.23 7.38 1.14
C LEU A 206 -2.32 5.99 1.77
N GLY A 207 -1.29 5.18 1.56
CA GLY A 207 -1.23 3.87 2.18
C GLY A 207 -2.04 2.83 1.42
N LEU A 208 -2.20 3.06 0.12
CA LEU A 208 -2.86 2.12 -0.76
C LEU A 208 -1.83 1.67 -1.77
N GLY A 209 -2.07 0.51 -2.38
CA GLY A 209 -1.27 0.07 -3.51
C GLY A 209 -0.10 -0.86 -3.21
N LEU A 210 0.23 -1.05 -1.94
CA LEU A 210 1.36 -1.93 -1.62
C LEU A 210 0.93 -3.38 -1.73
N LEU A 211 1.39 -4.04 -2.79
CA LEU A 211 1.12 -5.46 -2.95
C LEU A 211 2.18 -6.24 -2.17
N SER A 212 1.76 -6.97 -1.13
CA SER A 212 2.68 -7.78 -0.34
C SER A 212 2.45 -9.25 -0.63
N VAL A 213 3.50 -9.98 -0.93
CA VAL A 213 3.35 -11.39 -1.28
C VAL A 213 4.29 -12.26 -0.45
N ALA A 214 3.86 -13.49 -0.21
CA ALA A 214 4.69 -14.42 0.53
C ALA A 214 4.20 -15.84 0.30
N PRO A 215 5.14 -16.80 0.28
CA PRO A 215 4.70 -18.19 0.19
C PRO A 215 3.75 -18.52 1.35
#